data_5YWV
#
_entry.id   5YWV
#
_cell.length_a   65.192
_cell.length_b   80.713
_cell.length_c   85.247
_cell.angle_alpha   90.00
_cell.angle_beta   90.00
_cell.angle_gamma   90.00
#
_symmetry.space_group_name_H-M   'P 21 21 21'
#
loop_
_entity.id
_entity.type
_entity.pdbx_description
1 polymer 'Three-prime repair exonuclease 1'
2 polymer 'INOSINE CONTAINED SSDNA'
3 non-polymer 'MAGNESIUM ION'
4 non-polymer 'SODIUM ION'
5 non-polymer 1,2-ETHANEDIOL
6 non-polymer '2-(N-MORPHOLINO)-ETHANESULFONIC ACID'
7 water water
#
loop_
_entity_poly.entity_id
_entity_poly.type
_entity_poly.pdbx_seq_one_letter_code
_entity_poly.pdbx_strand_id
1 'polypeptide(L)'
;GSHMASMTGGQQMGRGSMGSQTLPHGHMQTLIFLDLEATGLPSSRPEVTELCLLAVHRRALENTSISQGHPPPVPRPPRV
VDKLSLCIAPGKACSPGASEITGLSKAELEVQGRQRFDDNLAILLRAFLQRQPQPCCLVAHNGDRYDFPLLQTELARLST
PSPLDGTFCVDSIAALKALEQASSPSGNGSRKSYSLGSIYTRLYWQAPTDSHTAEGDVLTLLSICQWKPQALLQWVDEHA
RPFSTVKPMYGTPATTGTT
;
A,B
2 'polydeoxyribonucleotide' (DT)(DT)(DA)(DT)(DA)(DI)(DG) C,D
#
# COMPACT_ATOMS: atom_id res chain seq x y z
N GLN A 21 11.16 -30.50 11.50
CA GLN A 21 12.23 -31.04 10.66
C GLN A 21 13.45 -31.56 11.45
N THR A 22 13.91 -30.85 12.48
CA THR A 22 13.28 -29.65 13.03
C THR A 22 13.42 -28.41 12.12
N LEU A 23 12.40 -27.57 12.11
CA LEU A 23 12.41 -26.32 11.36
C LEU A 23 13.61 -25.49 11.77
N PRO A 24 14.46 -25.10 10.81
CA PRO A 24 15.74 -24.46 11.09
C PRO A 24 15.62 -23.10 11.74
N HIS A 25 14.49 -22.41 11.53
CA HIS A 25 14.28 -21.08 12.08
C HIS A 25 12.88 -20.90 12.65
N GLY A 26 12.17 -22.01 12.88
CA GLY A 26 10.80 -21.99 13.35
C GLY A 26 9.80 -21.66 12.25
N HIS A 27 8.51 -21.60 12.60
CA HIS A 27 7.49 -21.23 11.62
C HIS A 27 7.60 -19.76 11.26
N MET A 28 7.61 -19.50 9.96
CA MET A 28 7.48 -18.13 9.50
C MET A 28 6.04 -17.66 9.76
N GLN A 29 5.90 -16.64 10.61
CA GLN A 29 4.57 -16.13 10.99
C GLN A 29 3.99 -15.15 9.96
N THR A 30 4.88 -14.40 9.31
CA THR A 30 4.45 -13.45 8.30
C THR A 30 5.20 -13.64 7.00
N LEU A 31 4.48 -13.72 5.89
CA LEU A 31 5.13 -13.74 4.59
C LEU A 31 5.01 -12.37 3.98
N ILE A 32 6.14 -11.84 3.54
CA ILE A 32 6.20 -10.51 2.95
C ILE A 32 6.51 -10.61 1.47
N PHE A 33 5.48 -10.52 0.65
CA PHE A 33 5.71 -10.54 -0.77
C PHE A 33 6.32 -9.22 -1.19
N LEU A 34 7.41 -9.32 -1.93
CA LEU A 34 8.25 -8.16 -2.22
C LEU A 34 8.54 -8.06 -3.71
N ASP A 35 8.44 -6.84 -4.23
CA ASP A 35 8.79 -6.55 -5.62
C ASP A 35 9.46 -5.18 -5.71
N LEU A 36 10.55 -5.10 -6.46
CA LEU A 36 11.25 -3.83 -6.73
C LEU A 36 11.21 -3.50 -8.22
N GLU A 37 10.98 -2.23 -8.56
CA GLU A 37 11.36 -1.77 -9.89
C GLU A 37 12.68 -1.04 -9.72
N ALA A 38 13.49 -1.01 -10.77
CA ALA A 38 14.81 -0.41 -10.68
C ALA A 38 15.21 0.18 -12.01
N THR A 39 16.38 0.82 -12.06
CA THR A 39 16.81 1.51 -13.26
C THR A 39 17.40 0.60 -14.34
N GLY A 40 17.58 -0.68 -14.03
CA GLY A 40 18.21 -1.57 -14.99
C GLY A 40 18.54 -2.92 -14.40
N LEU A 41 19.27 -3.73 -15.17
CA LEU A 41 19.62 -5.09 -14.78
C LEU A 41 20.97 -5.11 -14.04
N PRO A 42 21.28 -6.24 -13.40
CA PRO A 42 22.38 -6.37 -12.44
C PRO A 42 23.75 -5.81 -12.86
N SER A 43 24.17 -5.99 -14.11
CA SER A 43 25.50 -5.51 -14.48
C SER A 43 25.54 -3.98 -14.65
N SER A 44 24.39 -3.33 -14.54
CA SER A 44 24.33 -1.87 -14.69
C SER A 44 24.46 -1.14 -13.35
N ARG A 45 24.67 -1.88 -12.28
CA ARG A 45 24.68 -1.31 -10.93
C ARG A 45 23.39 -0.55 -10.67
N PRO A 46 22.25 -1.26 -10.78
CA PRO A 46 20.95 -0.58 -10.81
C PRO A 46 20.53 -0.04 -9.45
N GLU A 47 19.58 0.88 -9.45
CA GLU A 47 19.08 1.46 -8.22
C GLU A 47 17.56 1.42 -8.23
N VAL A 48 16.96 1.35 -7.04
CA VAL A 48 15.52 1.14 -6.89
C VAL A 48 14.70 2.37 -7.25
N THR A 49 13.61 2.18 -8.00
CA THR A 49 12.69 3.26 -8.37
C THR A 49 11.30 3.07 -7.74
N GLU A 50 11.03 1.86 -7.28
CA GLU A 50 9.74 1.53 -6.74
C GLU A 50 9.88 0.28 -5.88
N LEU A 51 9.09 0.22 -4.83
CA LEU A 51 9.17 -0.85 -3.87
C LEU A 51 7.76 -1.13 -3.40
N CYS A 52 7.44 -2.41 -3.27
CA CYS A 52 6.15 -2.82 -2.73
C CYS A 52 6.31 -4.03 -1.82
N LEU A 53 5.73 -3.91 -0.64
CA LEU A 53 5.65 -5.01 0.32
C LEU A 53 4.19 -5.35 0.56
N LEU A 54 3.90 -6.64 0.59
CA LEU A 54 2.57 -7.13 0.91
C LEU A 54 2.73 -8.15 2.03
N ALA A 55 2.36 -7.76 3.25
CA ALA A 55 2.51 -8.63 4.41
C ALA A 55 1.24 -9.43 4.67
N VAL A 56 1.42 -10.74 4.71
CA VAL A 56 0.33 -11.67 4.90
C VAL A 56 0.69 -12.61 6.03
N HIS A 57 -0.20 -12.75 7.01
CA HIS A 57 0.00 -13.71 8.07
C HIS A 57 -0.12 -15.11 7.49
N ARG A 58 0.60 -16.06 8.05
CA ARG A 58 0.53 -17.43 7.55
C ARG A 58 -0.88 -18.01 7.69
N ARG A 59 -1.64 -17.53 8.68
CA ARG A 59 -3.04 -17.93 8.84
C ARG A 59 -3.86 -17.63 7.57
N ALA A 60 -3.56 -16.51 6.91
CA ALA A 60 -4.27 -16.15 5.69
C ALA A 60 -3.97 -17.17 4.59
N LEU A 61 -2.74 -17.63 4.54
CA LEU A 61 -2.36 -18.62 3.54
C LEU A 61 -2.93 -20.01 3.84
N GLU A 62 -2.97 -20.39 5.10
CA GLU A 62 -3.50 -21.71 5.41
C GLU A 62 -5.02 -21.72 5.28
N ASN A 63 -5.61 -20.53 5.26
CA ASN A 63 -7.07 -20.38 5.10
C ASN A 63 -7.49 -20.27 3.64
N THR A 64 -6.51 -20.17 2.74
CA THR A 64 -6.80 -20.14 1.31
C THR A 64 -7.40 -21.47 0.86
N SER A 65 -8.47 -21.43 0.10
CA SER A 65 -9.14 -22.67 -0.28
C SER A 65 -8.34 -23.43 -1.35
N ILE A 66 -8.48 -24.74 -1.35
CA ILE A 66 -7.75 -25.61 -2.27
C ILE A 66 -8.05 -25.25 -3.72
N SER A 67 -7.00 -25.22 -4.54
CA SER A 67 -7.15 -24.91 -5.96
C SER A 67 -7.73 -26.09 -6.72
N GLN A 68 -9.02 -26.02 -7.03
CA GLN A 68 -9.70 -27.07 -7.76
C GLN A 68 -9.97 -26.64 -9.20
N GLY A 69 -10.12 -27.61 -10.10
CA GLY A 69 -10.49 -27.32 -11.48
C GLY A 69 -9.32 -27.15 -12.43
N HIS A 70 -9.59 -27.29 -13.72
CA HIS A 70 -8.57 -27.10 -14.74
C HIS A 70 -9.08 -26.19 -15.85
N PRO A 71 -8.72 -24.90 -15.77
CA PRO A 71 -7.85 -24.37 -14.72
C PRO A 71 -8.62 -23.97 -13.45
N PRO A 72 -7.90 -23.81 -12.33
CA PRO A 72 -8.48 -23.22 -11.12
C PRO A 72 -8.59 -21.71 -11.29
N PRO A 73 -9.56 -21.06 -10.62
CA PRO A 73 -9.58 -19.60 -10.71
C PRO A 73 -8.42 -19.00 -9.93
N VAL A 74 -8.05 -17.77 -10.24
CA VAL A 74 -7.04 -17.10 -9.45
C VAL A 74 -7.58 -17.00 -8.03
N PRO A 75 -6.78 -17.44 -7.04
CA PRO A 75 -7.18 -17.36 -5.63
C PRO A 75 -7.52 -15.94 -5.24
N ARG A 76 -8.49 -15.80 -4.33
CA ARG A 76 -8.87 -14.52 -3.79
C ARG A 76 -7.84 -14.09 -2.77
N PRO A 77 -7.37 -12.83 -2.86
CA PRO A 77 -6.44 -12.27 -1.87
C PRO A 77 -7.07 -12.29 -0.49
N PRO A 78 -6.26 -12.46 0.56
CA PRO A 78 -6.82 -12.40 1.92
C PRO A 78 -7.46 -11.03 2.19
N ARG A 79 -8.50 -11.00 3.01
CA ARG A 79 -9.08 -9.73 3.42
C ARG A 79 -8.08 -8.91 4.23
N VAL A 80 -7.35 -9.56 5.12
CA VAL A 80 -6.48 -8.87 6.06
C VAL A 80 -5.05 -8.86 5.55
N VAL A 81 -4.58 -7.68 5.20
CA VAL A 81 -3.29 -7.51 4.56
C VAL A 81 -2.70 -6.14 4.87
N ASP A 82 -1.41 -6.07 5.13
CA ASP A 82 -0.73 -4.79 5.19
C ASP A 82 0.00 -4.55 3.87
N LYS A 83 -0.18 -3.37 3.31
CA LYS A 83 0.44 -3.05 2.02
C LYS A 83 1.24 -1.75 2.09
N LEU A 84 2.42 -1.78 1.47
CA LEU A 84 3.27 -0.60 1.34
C LEU A 84 3.79 -0.54 -0.09
N SER A 85 3.43 0.51 -0.80
CA SER A 85 3.94 0.71 -2.16
C SER A 85 4.55 2.08 -2.24
N LEU A 86 5.83 2.17 -2.61
CA LEU A 86 6.53 3.45 -2.63
C LEU A 86 7.27 3.69 -3.94
N CYS A 87 7.12 4.89 -4.49
CA CYS A 87 7.97 5.31 -5.59
C CYS A 87 9.20 6.05 -5.02
N ILE A 88 10.36 5.76 -5.59
CA ILE A 88 11.64 6.22 -5.05
C ILE A 88 12.51 6.80 -6.15
N ALA A 89 13.04 8.00 -5.90
CA ALA A 89 13.99 8.61 -6.83
C ALA A 89 15.37 7.94 -6.71
N PRO A 90 15.85 7.33 -7.81
CA PRO A 90 17.20 6.76 -7.80
C PRO A 90 18.25 7.84 -7.98
N GLY A 91 19.51 7.51 -7.72
CA GLY A 91 20.58 8.47 -7.85
C GLY A 91 21.11 8.62 -9.27
N LYS A 92 20.60 7.80 -10.18
CA LYS A 92 21.02 7.84 -11.58
C LYS A 92 19.84 7.50 -12.50
N ALA A 93 19.93 7.89 -13.76
CA ALA A 93 18.82 7.71 -14.69
C ALA A 93 18.50 6.24 -14.92
N CYS A 94 17.27 5.97 -15.33
CA CYS A 94 16.88 4.64 -15.74
C CYS A 94 17.43 4.38 -17.14
N SER A 95 17.90 3.16 -17.39
CA SER A 95 18.11 2.71 -18.75
C SER A 95 16.80 2.85 -19.55
N PRO A 96 16.92 3.13 -20.86
CA PRO A 96 15.71 3.31 -21.68
C PRO A 96 14.83 2.07 -21.62
N GLY A 97 15.45 0.90 -21.53
CA GLY A 97 14.72 -0.35 -21.44
C GLY A 97 13.89 -0.44 -20.17
N ALA A 98 14.47 -0.01 -19.05
CA ALA A 98 13.77 -0.05 -17.78
C ALA A 98 12.57 0.90 -17.75
N SER A 99 12.75 2.10 -18.28
CA SER A 99 11.69 3.10 -18.29
C SER A 99 10.48 2.67 -19.12
N GLU A 100 10.72 2.05 -20.27
CA GLU A 100 9.62 1.67 -21.13
C GLU A 100 8.75 0.59 -20.47
N ILE A 101 9.36 -0.33 -19.73
CA ILE A 101 8.56 -1.40 -19.13
C ILE A 101 7.95 -1.01 -17.78
N THR A 102 8.60 -0.12 -17.03
CA THR A 102 8.08 0.24 -15.71
C THR A 102 7.19 1.49 -15.77
N GLY A 103 7.35 2.27 -16.82
CA GLY A 103 6.63 3.52 -16.93
C GLY A 103 7.19 4.58 -15.99
N LEU A 104 8.41 4.36 -15.49
CA LEU A 104 9.05 5.32 -14.60
C LEU A 104 10.34 5.91 -15.17
N SER A 105 10.64 7.14 -14.79
CA SER A 105 11.96 7.71 -15.04
C SER A 105 12.38 8.49 -13.81
N LYS A 106 13.69 8.62 -13.62
CA LYS A 106 14.23 9.39 -12.51
C LYS A 106 13.67 10.81 -12.50
N ALA A 107 13.81 11.52 -13.62
CA ALA A 107 13.31 12.90 -13.72
C ALA A 107 11.83 13.04 -13.36
N GLU A 108 10.98 12.15 -13.87
CA GLU A 108 9.55 12.27 -13.61
C GLU A 108 9.23 11.89 -12.16
N LEU A 109 10.03 11.01 -11.58
CA LEU A 109 9.86 10.69 -10.17
C LEU A 109 10.14 11.96 -9.35
N GLU A 110 11.10 12.76 -9.82
CA GLU A 110 11.50 13.96 -9.11
C GLU A 110 10.54 15.11 -9.38
N VAL A 111 9.94 15.12 -10.56
CA VAL A 111 8.88 16.07 -10.87
C VAL A 111 7.70 15.82 -9.91
N GLN A 112 7.49 14.55 -9.60
CA GLN A 112 6.43 14.13 -8.67
C GLN A 112 6.91 14.17 -7.23
N GLY A 113 8.05 14.80 -6.99
CA GLY A 113 8.56 14.99 -5.64
C GLY A 113 8.98 13.75 -4.86
N ARG A 114 9.33 12.67 -5.56
CA ARG A 114 9.79 11.47 -4.88
C ARG A 114 11.21 11.67 -4.33
N GLN A 115 11.44 11.18 -3.12
CA GLN A 115 12.76 11.34 -2.48
C GLN A 115 13.65 10.14 -2.74
N ARG A 116 14.94 10.31 -2.47
CA ARG A 116 15.91 9.24 -2.64
C ARG A 116 15.67 8.10 -1.65
N PHE A 117 16.37 7.00 -1.89
CA PHE A 117 16.44 5.90 -0.93
C PHE A 117 17.26 6.40 0.26
N ASP A 118 16.61 6.69 1.39
CA ASP A 118 17.30 7.40 2.48
C ASP A 118 16.99 6.84 3.87
N ASP A 119 17.55 7.47 4.89
CA ASP A 119 17.43 6.98 6.27
C ASP A 119 15.96 6.88 6.67
N ASN A 120 15.18 7.91 6.32
CA ASN A 120 13.74 7.90 6.58
C ASN A 120 13.05 6.68 5.97
N LEU A 121 13.40 6.34 4.73
CA LEU A 121 12.85 5.16 4.09
C LEU A 121 13.15 3.90 4.91
N ALA A 122 14.38 3.80 5.40
CA ALA A 122 14.78 2.70 6.26
C ALA A 122 13.95 2.66 7.56
N ILE A 123 13.72 3.82 8.16
CA ILE A 123 12.87 3.93 9.35
C ILE A 123 11.42 3.53 9.03
N LEU A 124 10.97 3.86 7.82
CA LEU A 124 9.61 3.49 7.38
C LEU A 124 9.47 1.96 7.25
N LEU A 125 10.42 1.34 6.56
CA LEU A 125 10.44 -0.12 6.40
C LEU A 125 10.48 -0.85 7.73
N ARG A 126 11.32 -0.38 8.65
CA ARG A 126 11.46 -1.00 9.96
C ARG A 126 10.12 -0.96 10.70
N ALA A 127 9.49 0.19 10.74
CA ALA A 127 8.22 0.32 11.44
C ALA A 127 7.12 -0.55 10.78
N PHE A 128 7.14 -0.65 9.45
CA PHE A 128 6.20 -1.52 8.73
C PHE A 128 6.40 -3.00 9.11
N LEU A 129 7.66 -3.42 9.21
CA LEU A 129 7.99 -4.80 9.53
C LEU A 129 7.64 -5.12 10.98
N GLN A 130 7.81 -4.14 11.85
CA GLN A 130 7.53 -4.32 13.27
C GLN A 130 6.04 -4.48 13.56
N ARG A 131 5.19 -4.01 12.65
CA ARG A 131 3.76 -4.23 12.78
C ARG A 131 3.44 -5.70 12.60
N GLN A 132 4.30 -6.40 11.87
CA GLN A 132 4.03 -7.81 11.54
C GLN A 132 4.47 -8.71 12.68
N PRO A 133 3.66 -9.74 12.97
CA PRO A 133 4.09 -10.77 13.91
C PRO A 133 5.35 -11.47 13.38
N GLN A 134 6.35 -11.64 14.25
CA GLN A 134 7.63 -12.19 13.85
C GLN A 134 7.65 -13.70 14.01
N PRO A 135 8.54 -14.39 13.27
CA PRO A 135 9.44 -13.80 12.27
C PRO A 135 8.79 -13.60 10.91
N CYS A 136 9.38 -12.67 10.14
CA CYS A 136 8.92 -12.33 8.81
C CYS A 136 9.83 -12.99 7.80
N CYS A 137 9.25 -13.44 6.69
CA CYS A 137 10.06 -13.95 5.60
C CYS A 137 9.71 -13.21 4.30
N LEU A 138 10.70 -12.52 3.73
CA LEU A 138 10.50 -11.86 2.44
C LEU A 138 10.40 -12.91 1.36
N VAL A 139 9.46 -12.71 0.42
CA VAL A 139 9.32 -13.58 -0.73
C VAL A 139 9.40 -12.72 -1.99
N ALA A 140 10.37 -13.02 -2.85
CA ALA A 140 10.49 -12.30 -4.12
C ALA A 140 10.85 -13.25 -5.26
N HIS A 141 10.36 -12.93 -6.46
CA HIS A 141 10.55 -13.81 -7.61
C HIS A 141 11.93 -13.57 -8.24
N ASN A 142 12.83 -14.55 -8.11
CA ASN A 142 14.25 -14.40 -8.46
C ASN A 142 14.95 -13.50 -7.46
N GLY A 143 14.37 -13.39 -6.27
CA GLY A 143 14.91 -12.56 -5.21
C GLY A 143 16.35 -12.87 -4.86
N ASP A 144 16.70 -14.15 -4.89
CA ASP A 144 18.07 -14.57 -4.57
C ASP A 144 19.11 -13.94 -5.50
N ARG A 145 18.73 -13.67 -6.74
CA ARG A 145 19.66 -13.08 -7.70
C ARG A 145 19.37 -11.62 -7.98
N TYR A 146 18.19 -11.12 -7.62
CA TYR A 146 17.91 -9.72 -7.94
C TYR A 146 17.47 -8.90 -6.72
N ASP A 147 16.22 -9.05 -6.29
CA ASP A 147 15.65 -8.18 -5.26
C ASP A 147 16.42 -8.11 -3.92
N PHE A 148 16.88 -9.25 -3.40
CA PHE A 148 17.53 -9.26 -2.08
C PHE A 148 18.93 -8.64 -2.13
N PRO A 149 19.75 -9.02 -3.12
CA PRO A 149 21.06 -8.39 -3.21
C PRO A 149 20.96 -6.91 -3.59
N LEU A 150 19.97 -6.54 -4.41
CA LEU A 150 19.78 -5.12 -4.72
C LEU A 150 19.40 -4.35 -3.47
N LEU A 151 18.42 -4.86 -2.72
CA LEU A 151 17.97 -4.22 -1.50
C LEU A 151 19.07 -4.14 -0.46
N GLN A 152 19.89 -5.19 -0.39
CA GLN A 152 21.06 -5.24 0.48
C GLN A 152 22.03 -4.13 0.14
N THR A 153 22.21 -3.89 -1.15
CA THR A 153 23.09 -2.81 -1.62
C THR A 153 22.53 -1.42 -1.30
N GLU A 154 21.23 -1.23 -1.52
CA GLU A 154 20.61 0.06 -1.18
C GLU A 154 20.76 0.37 0.32
N LEU A 155 20.52 -0.61 1.16
CA LEU A 155 20.58 -0.41 2.61
C LEU A 155 22.02 -0.24 3.07
N ALA A 156 22.95 -0.84 2.33
CA ALA A 156 24.37 -0.75 2.66
C ALA A 156 24.88 0.68 2.55
N ARG A 157 24.38 1.42 1.57
CA ARG A 157 24.79 2.80 1.37
C ARG A 157 24.44 3.68 2.55
N LEU A 158 23.44 3.27 3.31
CA LEU A 158 22.99 4.08 4.43
C LEU A 158 23.84 3.79 5.66
N SER A 159 24.14 4.84 6.42
CA SER A 159 24.86 4.65 7.66
C SER A 159 23.88 4.09 8.69
N THR A 160 22.60 4.34 8.45
CA THR A 160 21.50 3.77 9.24
C THR A 160 21.62 2.26 9.33
N PRO A 161 21.23 1.68 10.47
CA PRO A 161 21.24 0.22 10.61
C PRO A 161 20.23 -0.42 9.68
N SER A 162 20.50 -1.63 9.21
CA SER A 162 19.57 -2.34 8.36
C SER A 162 18.28 -2.64 9.11
N PRO A 163 17.13 -2.24 8.54
CA PRO A 163 15.84 -2.58 9.13
C PRO A 163 15.45 -4.03 8.86
N LEU A 164 16.25 -4.74 8.07
CA LEU A 164 15.93 -6.13 7.70
C LEU A 164 16.73 -7.18 8.49
N ASP A 165 17.29 -6.77 9.63
CA ASP A 165 18.28 -7.60 10.30
C ASP A 165 17.77 -8.96 10.78
N GLY A 166 16.65 -8.99 11.49
CA GLY A 166 16.12 -10.25 11.97
C GLY A 166 15.08 -10.88 11.03
N THR A 167 15.16 -10.50 9.76
CA THR A 167 14.19 -10.95 8.77
C THR A 167 14.75 -12.09 7.94
N PHE A 168 13.87 -12.89 7.37
CA PHE A 168 14.28 -14.00 6.52
C PHE A 168 13.79 -13.76 5.10
N CYS A 169 14.23 -14.61 4.17
CA CYS A 169 13.88 -14.45 2.77
C CYS A 169 13.94 -15.76 2.00
N VAL A 170 13.14 -15.87 0.94
CA VAL A 170 13.13 -17.02 0.05
C VAL A 170 12.86 -16.56 -1.38
N ASP A 171 13.30 -17.35 -2.35
CA ASP A 171 13.08 -17.05 -3.75
C ASP A 171 11.87 -17.88 -4.23
N SER A 172 10.85 -17.23 -4.79
CA SER A 172 9.64 -17.95 -5.17
C SER A 172 9.83 -18.85 -6.40
N ILE A 173 10.90 -18.61 -7.15
CA ILE A 173 11.21 -19.47 -8.29
C ILE A 173 11.60 -20.87 -7.81
N ALA A 174 12.40 -20.94 -6.77
CA ALA A 174 12.72 -22.20 -6.14
C ALA A 174 11.47 -22.83 -5.51
N ALA A 175 10.61 -22.02 -4.91
CA ALA A 175 9.39 -22.53 -4.31
C ALA A 175 8.50 -23.19 -5.35
N LEU A 176 8.18 -22.44 -6.41
CA LEU A 176 7.28 -22.94 -7.45
C LEU A 176 7.90 -24.10 -8.24
N LYS A 177 9.21 -24.08 -8.46
CA LYS A 177 9.88 -25.24 -9.05
C LYS A 177 9.63 -26.50 -8.21
N ALA A 178 9.83 -26.39 -6.90
CA ALA A 178 9.63 -27.54 -6.03
C ALA A 178 8.15 -27.94 -5.98
N LEU A 179 7.26 -26.94 -5.94
CA LEU A 179 5.82 -27.19 -5.89
C LEU A 179 5.29 -27.84 -7.17
N GLU A 180 5.79 -27.42 -8.33
CA GLU A 180 5.38 -28.04 -9.59
C GLU A 180 6.06 -29.39 -9.80
N GLN A 181 7.29 -29.53 -9.33
CA GLN A 181 7.99 -30.83 -9.37
C GLN A 181 7.35 -31.80 -8.39
N ALA A 182 6.51 -31.27 -7.50
CA ALA A 182 5.79 -32.08 -6.53
C ALA A 182 4.45 -32.55 -7.08
N SER A 183 4.09 -32.02 -8.25
CA SER A 183 2.83 -32.39 -8.90
C SER A 183 3.00 -33.65 -9.75
N ARG A 191 12.90 -26.75 -19.20
CA ARG A 191 11.92 -26.92 -20.27
C ARG A 191 10.92 -25.76 -20.26
N LYS A 192 10.02 -25.77 -19.28
CA LYS A 192 9.07 -24.69 -19.08
C LYS A 192 9.76 -23.46 -18.49
N SER A 193 9.15 -22.29 -18.66
CA SER A 193 9.70 -21.07 -18.08
C SER A 193 9.21 -20.86 -16.65
N TYR A 194 10.06 -20.21 -15.85
CA TYR A 194 9.71 -19.86 -14.48
C TYR A 194 9.73 -18.35 -14.24
N SER A 195 9.63 -17.59 -15.32
CA SER A 195 9.34 -16.15 -15.21
C SER A 195 7.98 -15.99 -14.53
N LEU A 196 7.76 -14.84 -13.89
CA LEU A 196 6.53 -14.62 -13.12
C LEU A 196 5.30 -14.84 -13.98
N GLY A 197 5.29 -14.23 -15.17
CA GLY A 197 4.13 -14.26 -16.04
C GLY A 197 3.87 -15.64 -16.63
N SER A 198 4.94 -16.33 -17.00
CA SER A 198 4.85 -17.70 -17.49
C SER A 198 4.18 -18.62 -16.48
N ILE A 199 4.62 -18.56 -15.23
CA ILE A 199 4.06 -19.42 -14.19
C ILE A 199 2.57 -19.11 -13.99
N TYR A 200 2.24 -17.83 -13.93
CA TYR A 200 0.87 -17.39 -13.67
C TYR A 200 -0.06 -17.84 -14.78
N THR A 201 0.39 -17.72 -16.02
CA THR A 201 -0.37 -18.15 -17.17
C THR A 201 -0.52 -19.68 -17.25
N ARG A 202 0.52 -20.40 -16.84
CA ARG A 202 0.48 -21.87 -16.80
C ARG A 202 -0.46 -22.37 -15.71
N LEU A 203 -0.51 -21.67 -14.57
CA LEU A 203 -1.39 -22.10 -13.49
C LEU A 203 -2.86 -21.73 -13.74
N TYR A 204 -3.09 -20.52 -14.23
CA TYR A 204 -4.45 -19.96 -14.24
C TYR A 204 -5.03 -19.69 -15.63
N TRP A 205 -4.22 -19.91 -16.67
CA TRP A 205 -4.64 -19.73 -18.05
C TRP A 205 -5.13 -18.31 -18.34
N GLN A 206 -4.59 -17.33 -17.63
CA GLN A 206 -4.91 -15.92 -17.81
C GLN A 206 -3.63 -15.10 -17.81
N ALA A 207 -3.62 -13.97 -18.50
CA ALA A 207 -2.49 -13.06 -18.43
C ALA A 207 -2.53 -12.29 -17.11
N PRO A 208 -1.36 -12.06 -16.51
CA PRO A 208 -1.33 -11.23 -15.31
C PRO A 208 -1.57 -9.77 -15.66
N THR A 209 -1.99 -8.96 -14.69
CA THR A 209 -2.27 -7.55 -14.96
C THR A 209 -1.22 -6.64 -14.31
N ASP A 210 -1.08 -5.44 -14.84
CA ASP A 210 -0.17 -4.43 -14.30
C ASP A 210 1.23 -4.97 -14.10
N SER A 211 1.77 -5.62 -15.13
CA SER A 211 3.12 -6.16 -15.02
C SER A 211 4.13 -5.02 -15.00
N HIS A 212 5.18 -5.18 -14.20
CA HIS A 212 6.28 -4.21 -14.11
C HIS A 212 5.88 -2.92 -13.41
N THR A 213 4.81 -3.00 -12.64
CA THR A 213 4.59 -2.10 -11.54
C THR A 213 4.93 -2.93 -10.31
N ALA A 214 5.40 -2.30 -9.23
CA ALA A 214 5.79 -3.03 -8.04
C ALA A 214 4.59 -3.76 -7.42
N GLU A 215 3.45 -3.10 -7.37
CA GLU A 215 2.28 -3.66 -6.71
C GLU A 215 1.59 -4.70 -7.60
N GLY A 216 1.54 -4.45 -8.90
CA GLY A 216 0.96 -5.42 -9.81
C GLY A 216 1.69 -6.76 -9.74
N ASP A 217 3.01 -6.70 -9.80
CA ASP A 217 3.78 -7.94 -9.84
C ASP A 217 3.82 -8.60 -8.46
N VAL A 218 3.67 -7.80 -7.39
CA VAL A 218 3.52 -8.38 -6.06
C VAL A 218 2.18 -9.13 -5.89
N LEU A 219 1.10 -8.55 -6.43
CA LEU A 219 -0.20 -9.21 -6.34
C LEU A 219 -0.21 -10.47 -7.21
N THR A 220 0.48 -10.42 -8.34
CA THR A 220 0.63 -11.60 -9.18
C THR A 220 1.40 -12.68 -8.43
N LEU A 221 2.42 -12.24 -7.72
CA LEU A 221 3.25 -13.15 -6.93
C LEU A 221 2.42 -13.78 -5.83
N LEU A 222 1.61 -12.98 -5.15
CA LEU A 222 0.72 -13.50 -4.12
C LEU A 222 -0.15 -14.64 -4.69
N SER A 223 -0.73 -14.43 -5.86
CA SER A 223 -1.59 -15.44 -6.50
C SER A 223 -0.90 -16.78 -6.80
N ILE A 224 0.31 -16.76 -7.36
CA ILE A 224 0.97 -18.04 -7.64
C ILE A 224 1.32 -18.74 -6.31
N CYS A 225 1.67 -17.97 -5.29
CA CYS A 225 2.02 -18.57 -4.01
C CYS A 225 0.78 -19.13 -3.29
N GLN A 226 -0.39 -18.62 -3.64
CA GLN A 226 -1.65 -19.16 -3.12
C GLN A 226 -2.14 -20.40 -3.85
N TRP A 227 -1.46 -20.76 -4.94
CA TRP A 227 -1.87 -21.92 -5.75
C TRP A 227 -1.96 -23.17 -4.89
N LYS A 228 -0.88 -23.49 -4.19
CA LYS A 228 -0.88 -24.55 -3.19
C LYS A 228 -0.34 -23.99 -1.91
N PRO A 229 -1.22 -23.34 -1.11
CA PRO A 229 -0.78 -22.53 0.03
C PRO A 229 -0.10 -23.33 1.15
N GLN A 230 -0.56 -24.54 1.43
CA GLN A 230 -0.01 -25.33 2.54
C GLN A 230 1.39 -25.79 2.19
N ALA A 231 1.53 -26.36 0.99
CA ALA A 231 2.83 -26.79 0.49
C ALA A 231 3.82 -25.60 0.41
N LEU A 232 3.33 -24.43 0.03
CA LEU A 232 4.18 -23.23 -0.01
C LEU A 232 4.74 -22.85 1.35
N LEU A 233 3.87 -22.80 2.36
CA LEU A 233 4.28 -22.51 3.75
C LEU A 233 5.31 -23.49 4.28
N GLN A 234 5.04 -24.77 4.08
CA GLN A 234 5.96 -25.83 4.47
C GLN A 234 7.34 -25.62 3.82
N TRP A 235 7.34 -25.41 2.51
CA TRP A 235 8.58 -25.19 1.78
C TRP A 235 9.29 -23.93 2.27
N VAL A 236 8.52 -22.85 2.46
CA VAL A 236 9.06 -21.60 2.98
C VAL A 236 9.69 -21.78 4.36
N ASP A 237 9.01 -22.50 5.25
CA ASP A 237 9.57 -22.74 6.59
C ASP A 237 10.88 -23.48 6.52
N GLU A 238 11.01 -24.38 5.54
CA GLU A 238 12.21 -25.21 5.43
C GLU A 238 13.37 -24.49 4.75
N HIS A 239 13.08 -23.50 3.92
CA HIS A 239 14.14 -22.86 3.11
C HIS A 239 14.39 -21.40 3.44
N ALA A 240 13.66 -20.86 4.39
CA ALA A 240 13.90 -19.49 4.86
C ALA A 240 15.36 -19.35 5.24
N ARG A 241 15.97 -18.23 4.88
CA ARG A 241 17.33 -17.97 5.33
C ARG A 241 17.50 -16.51 5.72
N PRO A 242 18.40 -16.24 6.67
CA PRO A 242 18.51 -14.88 7.21
C PRO A 242 18.90 -13.90 6.11
N PHE A 243 18.25 -12.74 6.07
CA PHE A 243 18.50 -11.77 5.02
C PHE A 243 19.91 -11.20 5.16
N SER A 244 20.50 -11.34 6.35
CA SER A 244 21.83 -10.83 6.60
C SER A 244 22.90 -11.68 5.89
N THR A 245 22.52 -12.87 5.44
CA THR A 245 23.46 -13.71 4.71
C THR A 245 23.42 -13.38 3.23
N VAL A 246 22.43 -12.57 2.83
CA VAL A 246 22.34 -12.13 1.44
C VAL A 246 23.51 -11.22 1.10
N LYS A 247 24.22 -11.57 0.03
CA LYS A 247 25.34 -10.77 -0.44
C LYS A 247 24.84 -9.60 -1.28
N PRO A 248 25.42 -8.41 -1.06
CA PRO A 248 25.01 -7.22 -1.82
C PRO A 248 25.25 -7.45 -3.31
N MET A 249 24.44 -6.82 -4.16
CA MET A 249 24.58 -7.00 -5.61
C MET A 249 25.88 -6.37 -6.11
N TYR A 250 26.25 -5.23 -5.55
CA TYR A 250 27.47 -4.53 -5.93
C TYR A 250 27.95 -3.60 -4.83
N GLY A 251 29.20 -3.14 -4.95
CA GLY A 251 29.83 -2.39 -3.88
C GLY A 251 29.59 -0.89 -3.89
N THR A 252 29.65 -0.31 -2.69
CA THR A 252 29.47 1.11 -2.47
C THR A 252 30.84 1.78 -2.23
N PRO A 253 30.91 3.12 -2.27
CA PRO A 253 32.13 3.79 -1.85
C PRO A 253 32.04 4.34 -0.43
N LEU B 23 -4.94 29.51 -1.90
CA LEU B 23 -4.65 30.87 -1.49
C LEU B 23 -3.74 30.92 -0.25
N PRO B 24 -4.30 30.59 0.93
CA PRO B 24 -3.66 30.89 2.22
C PRO B 24 -2.27 30.28 2.47
N HIS B 25 -2.13 28.96 2.30
CA HIS B 25 -0.90 28.28 2.68
C HIS B 25 -0.03 27.90 1.49
N GLY B 26 -0.09 28.71 0.44
CA GLY B 26 0.57 28.39 -0.81
C GLY B 26 -0.11 27.18 -1.44
N HIS B 27 0.48 26.66 -2.50
CA HIS B 27 -0.02 25.45 -3.11
C HIS B 27 0.25 24.25 -2.21
N MET B 28 -0.74 23.37 -2.08
CA MET B 28 -0.51 22.08 -1.44
C MET B 28 0.26 21.24 -2.44
N GLN B 29 1.36 20.63 -1.99
CA GLN B 29 2.22 19.88 -2.89
C GLN B 29 1.79 18.42 -3.01
N THR B 30 1.23 17.89 -1.93
CA THR B 30 0.82 16.51 -1.90
C THR B 30 -0.59 16.39 -1.36
N LEU B 31 -1.43 15.65 -2.08
CA LEU B 31 -2.73 15.27 -1.58
C LEU B 31 -2.64 13.84 -1.06
N ILE B 32 -3.06 13.63 0.17
CA ILE B 32 -3.02 12.31 0.76
C ILE B 32 -4.42 11.84 1.09
N PHE B 33 -4.97 11.04 0.19
CA PHE B 33 -6.30 10.49 0.34
C PHE B 33 -6.32 9.48 1.47
N LEU B 34 -7.25 9.68 2.41
CA LEU B 34 -7.31 8.93 3.64
C LEU B 34 -8.65 8.27 3.83
N ASP B 35 -8.63 7.08 4.40
CA ASP B 35 -9.83 6.35 4.72
C ASP B 35 -9.56 5.45 5.92
N LEU B 36 -10.47 5.44 6.89
CA LEU B 36 -10.42 4.51 8.00
C LEU B 36 -11.63 3.58 7.96
N GLU B 37 -11.44 2.32 8.37
CA GLU B 37 -12.56 1.51 8.80
C GLU B 37 -12.51 1.47 10.32
N ALA B 38 -13.63 1.14 10.97
CA ALA B 38 -13.68 1.24 12.42
C ALA B 38 -14.78 0.35 12.99
N THR B 39 -14.84 0.27 14.31
CA THR B 39 -15.75 -0.63 14.99
C THR B 39 -17.21 -0.18 14.94
N GLY B 40 -17.44 1.10 14.61
CA GLY B 40 -18.79 1.62 14.57
C GLY B 40 -18.81 3.11 14.29
N LEU B 41 -19.97 3.74 14.47
CA LEU B 41 -20.14 5.17 14.25
C LEU B 41 -19.86 5.93 15.55
N PRO B 42 -19.65 7.26 15.44
CA PRO B 42 -19.11 8.11 16.52
C PRO B 42 -19.71 7.89 17.91
N SER B 43 -21.03 7.78 18.04
CA SER B 43 -21.63 7.67 19.37
C SER B 43 -21.18 6.42 20.13
N SER B 44 -20.64 5.43 19.41
CA SER B 44 -20.21 4.19 20.04
C SER B 44 -18.79 4.26 20.58
N ARG B 45 -18.13 5.41 20.38
CA ARG B 45 -16.73 5.56 20.77
C ARG B 45 -15.84 4.55 20.03
N PRO B 46 -15.88 4.59 18.69
CA PRO B 46 -15.26 3.57 17.85
C PRO B 46 -13.73 3.55 17.89
N GLU B 47 -13.14 2.45 17.46
CA GLU B 47 -11.70 2.32 17.32
C GLU B 47 -11.33 1.87 15.92
N VAL B 48 -10.20 2.35 15.43
CA VAL B 48 -9.78 2.09 14.07
C VAL B 48 -9.45 0.62 13.88
N THR B 49 -9.87 0.07 12.76
CA THR B 49 -9.57 -1.31 12.40
C THR B 49 -8.78 -1.40 11.11
N GLU B 50 -8.85 -0.34 10.31
CA GLU B 50 -8.12 -0.30 9.05
C GLU B 50 -7.85 1.15 8.65
N LEU B 51 -6.77 1.36 7.93
CA LEU B 51 -6.33 2.70 7.59
C LEU B 51 -5.57 2.65 6.28
N CYS B 52 -5.94 3.52 5.35
CA CYS B 52 -5.20 3.60 4.09
C CYS B 52 -4.90 5.04 3.72
N LEU B 53 -3.68 5.24 3.26
CA LEU B 53 -3.21 6.52 2.76
C LEU B 53 -2.74 6.32 1.34
N LEU B 54 -3.11 7.25 0.46
CA LEU B 54 -2.64 7.22 -0.91
C LEU B 54 -2.14 8.62 -1.24
N ALA B 55 -0.82 8.74 -1.38
CA ALA B 55 -0.21 10.05 -1.57
C ALA B 55 0.04 10.30 -3.05
N VAL B 56 -0.45 11.44 -3.51
CA VAL B 56 -0.35 11.85 -4.91
C VAL B 56 0.12 13.29 -5.00
N HIS B 57 1.15 13.54 -5.80
CA HIS B 57 1.63 14.90 -6.05
C HIS B 57 0.59 15.67 -6.85
N ARG B 58 0.49 16.99 -6.62
CA ARG B 58 -0.56 17.74 -7.30
C ARG B 58 -0.37 17.73 -8.81
N ARG B 59 0.88 17.67 -9.26
CA ARG B 59 1.13 17.64 -10.69
C ARG B 59 0.52 16.39 -11.31
N ALA B 60 0.55 15.28 -10.58
CA ALA B 60 -0.04 14.04 -11.03
C ALA B 60 -1.55 14.19 -11.20
N LEU B 61 -2.14 15.06 -10.39
CA LEU B 61 -3.58 15.29 -10.47
C LEU B 61 -3.94 16.17 -11.66
N GLU B 62 -3.26 17.31 -11.79
CA GLU B 62 -3.54 18.23 -12.88
C GLU B 62 -3.14 17.64 -14.24
N ASN B 63 -2.42 16.51 -14.23
CA ASN B 63 -2.08 15.82 -15.47
C ASN B 63 -3.19 14.88 -15.92
N THR B 64 -4.22 14.75 -15.09
CA THR B 64 -5.35 13.89 -15.42
C THR B 64 -6.06 14.40 -16.67
N SER B 65 -6.18 13.54 -17.68
CA SER B 65 -6.88 13.90 -18.91
C SER B 65 -8.36 14.10 -18.62
N ILE B 66 -8.93 15.15 -19.19
CA ILE B 66 -10.27 15.60 -18.82
C ILE B 66 -11.35 14.58 -19.17
N SER B 67 -12.33 14.46 -18.27
CA SER B 67 -13.40 13.47 -18.42
C SER B 67 -14.34 13.82 -19.59
N GLN B 68 -14.43 12.92 -20.57
CA GLN B 68 -15.22 13.17 -21.76
C GLN B 68 -15.77 11.90 -22.39
N GLY B 69 -17.09 11.78 -22.38
CA GLY B 69 -17.79 10.62 -22.92
C GLY B 69 -19.11 10.46 -22.20
N HIS B 70 -19.76 9.31 -22.37
CA HIS B 70 -20.91 9.02 -21.53
C HIS B 70 -21.32 7.55 -21.52
N PRO B 71 -21.21 6.95 -20.32
CA PRO B 71 -20.69 7.77 -19.23
C PRO B 71 -19.16 7.96 -19.33
N PRO B 72 -18.64 9.11 -18.85
CA PRO B 72 -17.18 9.30 -18.84
C PRO B 72 -16.52 8.14 -18.12
N PRO B 73 -15.46 7.57 -18.70
CA PRO B 73 -14.82 6.43 -18.04
C PRO B 73 -14.15 6.86 -16.74
N VAL B 74 -14.06 5.95 -15.79
CA VAL B 74 -13.36 6.19 -14.54
C VAL B 74 -11.91 6.56 -14.87
N PRO B 75 -11.43 7.70 -14.34
CA PRO B 75 -10.03 8.11 -14.59
C PRO B 75 -9.04 7.06 -14.11
N ARG B 76 -7.96 6.88 -14.86
CA ARG B 76 -6.87 6.00 -14.44
C ARG B 76 -6.08 6.67 -13.31
N PRO B 77 -5.72 5.89 -12.29
CA PRO B 77 -4.91 6.47 -11.22
C PRO B 77 -3.56 6.89 -11.77
N PRO B 78 -2.93 7.93 -11.20
CA PRO B 78 -1.58 8.32 -11.61
C PRO B 78 -0.62 7.15 -11.52
N ARG B 79 0.36 7.08 -12.42
CA ARG B 79 1.39 6.05 -12.33
C ARG B 79 2.20 6.17 -11.04
N VAL B 80 2.57 7.39 -10.67
CA VAL B 80 3.41 7.58 -9.49
C VAL B 80 2.58 7.86 -8.24
N VAL B 81 2.64 6.93 -7.29
CA VAL B 81 1.80 6.99 -6.09
C VAL B 81 2.49 6.29 -4.94
N ASP B 82 2.31 6.80 -3.72
CA ASP B 82 2.74 6.09 -2.53
C ASP B 82 1.50 5.59 -1.83
N LYS B 83 1.53 4.36 -1.37
CA LYS B 83 0.33 3.79 -0.77
C LYS B 83 0.67 3.03 0.50
N LEU B 84 -0.15 3.23 1.51
CA LEU B 84 -0.05 2.52 2.79
C LEU B 84 -1.45 2.02 3.19
N SER B 85 -1.56 0.72 3.42
CA SER B 85 -2.81 0.14 3.89
C SER B 85 -2.53 -0.86 5.00
N LEU B 86 -3.13 -0.61 6.16
CA LEU B 86 -2.83 -1.36 7.37
C LEU B 86 -4.11 -1.80 8.09
N CYS B 87 -4.12 -3.04 8.55
CA CYS B 87 -5.16 -3.54 9.43
C CYS B 87 -4.73 -3.43 10.89
N ILE B 88 -5.70 -3.10 11.74
CA ILE B 88 -5.43 -2.75 13.12
C ILE B 88 -6.40 -3.47 14.05
N ALA B 89 -5.86 -4.09 15.09
CA ALA B 89 -6.68 -4.72 16.11
C ALA B 89 -7.25 -3.68 17.06
N PRO B 90 -8.59 -3.59 17.15
CA PRO B 90 -9.23 -2.70 18.11
C PRO B 90 -9.23 -3.31 19.50
N GLY B 91 -9.48 -2.51 20.52
CA GLY B 91 -9.57 -3.02 21.88
C GLY B 91 -10.96 -3.56 22.20
N LYS B 92 -11.95 -3.09 21.45
CA LYS B 92 -13.33 -3.56 21.62
C LYS B 92 -13.81 -4.26 20.35
N ALA B 93 -14.90 -5.02 20.47
CA ALA B 93 -15.47 -5.72 19.33
C ALA B 93 -16.12 -4.76 18.34
N CYS B 94 -16.09 -5.09 17.04
CA CYS B 94 -16.82 -4.31 16.05
C CYS B 94 -18.32 -4.49 16.26
N SER B 95 -19.09 -3.42 16.10
CA SER B 95 -20.55 -3.54 16.04
C SER B 95 -20.92 -4.47 14.91
N PRO B 96 -22.06 -5.16 15.02
CA PRO B 96 -22.46 -6.09 13.97
C PRO B 96 -22.51 -5.40 12.60
N GLY B 97 -23.05 -4.18 12.56
CA GLY B 97 -23.18 -3.44 11.32
C GLY B 97 -21.85 -3.17 10.65
N ALA B 98 -20.89 -2.67 11.43
CA ALA B 98 -19.55 -2.37 10.92
C ALA B 98 -18.84 -3.64 10.43
N SER B 99 -19.01 -4.72 11.17
CA SER B 99 -18.44 -6.01 10.79
C SER B 99 -18.98 -6.49 9.44
N GLU B 100 -20.29 -6.35 9.26
CA GLU B 100 -20.95 -6.78 8.03
C GLU B 100 -20.45 -6.04 6.79
N ILE B 101 -20.23 -4.74 6.89
CA ILE B 101 -19.87 -3.98 5.71
C ILE B 101 -18.35 -3.95 5.46
N THR B 102 -17.54 -3.97 6.52
CA THR B 102 -16.09 -3.91 6.34
C THR B 102 -15.44 -5.28 6.12
N GLY B 103 -16.16 -6.35 6.48
CA GLY B 103 -15.60 -7.68 6.43
C GLY B 103 -14.49 -7.94 7.45
N LEU B 104 -14.39 -7.07 8.45
CA LEU B 104 -13.39 -7.21 9.51
C LEU B 104 -14.08 -7.48 10.83
N SER B 105 -13.35 -8.15 11.73
CA SER B 105 -13.84 -8.32 13.10
C SER B 105 -12.63 -8.35 14.02
N LYS B 106 -12.85 -8.05 15.29
CA LYS B 106 -11.77 -8.04 16.27
C LYS B 106 -11.05 -9.41 16.30
N ALA B 107 -11.82 -10.48 16.41
CA ALA B 107 -11.27 -11.83 16.50
C ALA B 107 -10.41 -12.23 15.30
N GLU B 108 -10.90 -11.99 14.08
CA GLU B 108 -10.11 -12.34 12.89
C GLU B 108 -8.87 -11.47 12.79
N LEU B 109 -8.97 -10.21 13.20
CA LEU B 109 -7.80 -9.32 13.18
C LEU B 109 -6.72 -9.87 14.12
N GLU B 110 -7.15 -10.42 15.25
CA GLU B 110 -6.23 -10.98 16.23
C GLU B 110 -5.61 -12.29 15.73
N VAL B 111 -6.43 -13.13 15.11
CA VAL B 111 -5.96 -14.35 14.45
C VAL B 111 -4.89 -14.06 13.38
N GLN B 112 -5.04 -12.94 12.69
CA GLN B 112 -4.10 -12.53 11.65
C GLN B 112 -2.92 -11.75 12.23
N GLY B 113 -2.79 -11.79 13.55
CA GLY B 113 -1.69 -11.16 14.25
C GLY B 113 -1.61 -9.65 14.18
N ARG B 114 -2.71 -8.97 13.88
CA ARG B 114 -2.67 -7.50 13.80
C ARG B 114 -2.42 -6.90 15.18
N GLN B 115 -1.58 -5.87 15.23
CA GLN B 115 -1.27 -5.21 16.49
C GLN B 115 -2.19 -4.01 16.70
N ARG B 116 -2.35 -3.62 17.96
CA ARG B 116 -3.17 -2.48 18.32
C ARG B 116 -2.59 -1.19 17.73
N PHE B 117 -3.37 -0.12 17.83
CA PHE B 117 -2.92 1.19 17.43
C PHE B 117 -1.88 1.66 18.47
N ASP B 118 -0.61 1.63 18.09
CA ASP B 118 0.48 1.86 19.05
C ASP B 118 1.52 2.87 18.55
N ASP B 119 2.53 3.10 19.38
CA ASP B 119 3.59 4.05 19.07
C ASP B 119 4.29 3.73 17.75
N ASN B 120 4.50 2.44 17.50
CA ASN B 120 5.13 2.02 16.26
C ASN B 120 4.31 2.45 15.05
N LEU B 121 2.99 2.36 15.16
CA LEU B 121 2.10 2.82 14.10
C LEU B 121 2.32 4.32 13.85
N ALA B 122 2.43 5.10 14.92
CA ALA B 122 2.69 6.52 14.79
C ALA B 122 4.01 6.78 14.06
N ILE B 123 5.04 6.00 14.38
CA ILE B 123 6.34 6.15 13.74
C ILE B 123 6.25 5.85 12.24
N LEU B 124 5.46 4.83 11.90
CA LEU B 124 5.25 4.45 10.52
C LEU B 124 4.59 5.58 9.74
N LEU B 125 3.55 6.16 10.33
CA LEU B 125 2.80 7.23 9.69
C LEU B 125 3.68 8.46 9.46
N ARG B 126 4.47 8.82 10.48
CA ARG B 126 5.33 9.98 10.36
C ARG B 126 6.34 9.79 9.24
N ALA B 127 6.96 8.62 9.18
CA ALA B 127 7.99 8.37 8.18
C ALA B 127 7.36 8.39 6.78
N PHE B 128 6.12 7.94 6.68
CA PHE B 128 5.40 7.93 5.43
C PHE B 128 5.11 9.34 4.96
N LEU B 129 4.62 10.18 5.88
CA LEU B 129 4.31 11.57 5.52
C LEU B 129 5.57 12.33 5.15
N GLN B 130 6.67 11.98 5.82
CA GLN B 130 7.97 12.62 5.58
C GLN B 130 8.54 12.32 4.21
N ARG B 131 8.00 11.31 3.53
CA ARG B 131 8.42 11.02 2.14
C ARG B 131 7.73 12.00 1.19
N GLN B 132 6.75 12.73 1.69
CA GLN B 132 5.91 13.57 0.82
C GLN B 132 6.37 15.02 0.85
N PRO B 133 6.50 15.64 -0.34
CA PRO B 133 6.78 17.07 -0.42
C PRO B 133 5.78 17.88 0.40
N GLN B 134 6.26 18.86 1.15
CA GLN B 134 5.41 19.71 1.99
C GLN B 134 5.04 20.98 1.25
N PRO B 135 3.88 21.58 1.60
CA PRO B 135 2.90 21.07 2.55
C PRO B 135 2.05 19.93 1.99
N CYS B 136 1.68 19.01 2.88
CA CYS B 136 0.80 17.88 2.57
C CYS B 136 -0.60 18.19 3.06
N CYS B 137 -1.60 17.71 2.32
CA CYS B 137 -2.99 17.85 2.78
C CYS B 137 -3.73 16.52 2.69
N LEU B 138 -4.23 16.09 3.84
CA LEU B 138 -5.08 14.91 3.92
C LEU B 138 -6.46 15.23 3.37
N VAL B 139 -7.03 14.26 2.66
CA VAL B 139 -8.37 14.38 2.09
C VAL B 139 -9.17 13.16 2.51
N ALA B 140 -10.24 13.38 3.28
CA ALA B 140 -11.12 12.27 3.65
C ALA B 140 -12.57 12.65 3.44
N HIS B 141 -13.40 11.65 3.18
CA HIS B 141 -14.81 11.90 2.89
C HIS B 141 -15.62 11.98 4.18
N ASN B 142 -16.13 13.16 4.52
CA ASN B 142 -16.72 13.41 5.82
C ASN B 142 -15.62 13.34 6.90
N GLY B 143 -14.39 13.59 6.48
CA GLY B 143 -13.25 13.58 7.39
C GLY B 143 -13.37 14.54 8.56
N ASP B 144 -14.00 15.70 8.32
CA ASP B 144 -14.12 16.72 9.36
C ASP B 144 -14.97 16.24 10.51
N ARG B 145 -15.84 15.27 10.25
CA ARG B 145 -16.77 14.77 11.24
C ARG B 145 -16.50 13.31 11.62
N TYR B 146 -15.62 12.64 10.88
CA TYR B 146 -15.33 11.26 11.24
C TYR B 146 -13.82 10.94 11.26
N ASP B 147 -13.20 10.80 10.09
CA ASP B 147 -11.84 10.25 10.04
C ASP B 147 -10.84 11.08 10.86
N PHE B 148 -10.86 12.40 10.69
CA PHE B 148 -9.88 13.26 11.34
C PHE B 148 -10.05 13.28 12.88
N PRO B 149 -11.27 13.52 13.38
CA PRO B 149 -11.47 13.43 14.83
C PRO B 149 -11.17 12.04 15.41
N LEU B 150 -11.54 10.98 14.71
CA LEU B 150 -11.24 9.64 15.19
C LEU B 150 -9.74 9.42 15.21
N LEU B 151 -9.08 9.78 14.12
CA LEU B 151 -7.63 9.70 14.03
C LEU B 151 -6.95 10.54 15.11
N GLN B 152 -7.48 11.70 15.41
CA GLN B 152 -6.92 12.55 16.47
C GLN B 152 -7.02 11.84 17.83
N THR B 153 -8.14 11.18 18.07
CA THR B 153 -8.36 10.45 19.31
C THR B 153 -7.38 9.30 19.46
N GLU B 154 -7.16 8.55 18.37
CA GLU B 154 -6.24 7.41 18.43
C GLU B 154 -4.81 7.86 18.73
N LEU B 155 -4.41 8.99 18.16
CA LEU B 155 -3.07 9.53 18.35
C LEU B 155 -2.90 10.17 19.73
N ALA B 156 -4.01 10.60 20.33
CA ALA B 156 -3.98 11.26 21.62
C ALA B 156 -3.47 10.32 22.71
N ARG B 157 -3.63 9.02 22.46
CA ARG B 157 -3.24 8.00 23.43
C ARG B 157 -1.75 7.65 23.41
N LEU B 158 -1.03 8.09 22.38
CA LEU B 158 0.33 7.62 22.16
C LEU B 158 1.39 8.55 22.78
N SER B 159 2.52 7.97 23.16
CA SER B 159 3.63 8.75 23.71
C SER B 159 4.38 9.44 22.58
N THR B 160 4.55 8.73 21.47
CA THR B 160 5.09 9.30 20.24
C THR B 160 4.37 10.61 19.93
N PRO B 161 5.13 11.71 19.73
CA PRO B 161 4.48 12.98 19.39
C PRO B 161 3.70 12.86 18.08
N SER B 162 2.61 13.63 17.93
CA SER B 162 1.70 13.43 16.79
C SER B 162 2.39 13.48 15.44
N PRO B 163 2.33 12.37 14.70
CA PRO B 163 2.94 12.21 13.37
C PRO B 163 2.24 13.07 12.30
N LEU B 164 1.06 13.59 12.61
CA LEU B 164 0.29 14.37 11.64
C LEU B 164 0.49 15.88 11.81
N ASP B 165 1.09 16.28 12.92
CA ASP B 165 1.33 17.69 13.18
C ASP B 165 2.19 18.28 12.06
N GLY B 166 1.76 19.43 11.54
CA GLY B 166 2.42 20.01 10.37
C GLY B 166 1.67 19.69 9.09
N THR B 167 0.83 18.66 9.12
CA THR B 167 0.06 18.27 7.93
C THR B 167 -1.29 18.95 7.90
N PHE B 168 -1.77 19.27 6.69
CA PHE B 168 -3.10 19.87 6.56
C PHE B 168 -4.18 18.82 6.24
N CYS B 169 -5.43 19.28 6.16
CA CYS B 169 -6.55 18.39 5.93
C CYS B 169 -7.76 19.15 5.40
N VAL B 170 -8.51 18.50 4.52
CA VAL B 170 -9.80 19.00 4.04
C VAL B 170 -10.79 17.86 3.95
N ASP B 171 -12.07 18.21 3.95
CA ASP B 171 -13.17 17.27 3.81
C ASP B 171 -13.69 17.25 2.35
N SER B 172 -13.63 16.10 1.68
CA SER B 172 -14.02 16.01 0.29
C SER B 172 -15.51 16.24 0.04
N ILE B 173 -16.33 16.12 1.08
CA ILE B 173 -17.76 16.42 0.94
C ILE B 173 -17.96 17.89 0.62
N ALA B 174 -17.29 18.77 1.37
CA ALA B 174 -17.35 20.20 1.09
C ALA B 174 -16.79 20.52 -0.30
N ALA B 175 -15.66 19.91 -0.63
CA ALA B 175 -15.04 20.12 -1.93
C ALA B 175 -15.97 19.76 -3.08
N LEU B 176 -16.53 18.55 -3.05
CA LEU B 176 -17.39 18.09 -4.15
C LEU B 176 -18.71 18.84 -4.20
N LYS B 177 -19.23 19.27 -3.05
CA LYS B 177 -20.40 20.13 -3.02
C LYS B 177 -20.15 21.42 -3.79
N ALA B 178 -19.00 22.06 -3.54
CA ALA B 178 -18.67 23.30 -4.22
C ALA B 178 -18.48 23.04 -5.72
N LEU B 179 -17.71 22.02 -6.04
CA LEU B 179 -17.43 21.67 -7.43
C LEU B 179 -18.70 21.35 -8.23
N GLU B 180 -19.59 20.55 -7.65
CA GLU B 180 -20.82 20.19 -8.36
C GLU B 180 -21.73 21.40 -8.53
N GLN B 181 -21.92 22.17 -7.46
CA GLN B 181 -22.78 23.35 -7.53
C GLN B 181 -22.31 24.30 -8.63
N ALA B 182 -21.01 24.58 -8.65
CA ALA B 182 -20.43 25.53 -9.61
C ALA B 182 -20.53 25.00 -11.04
N SER B 183 -20.69 23.69 -11.19
CA SER B 183 -20.83 23.09 -12.49
C SER B 183 -22.28 23.08 -12.96
N SER B 184 -23.15 22.44 -12.18
CA SER B 184 -24.58 22.41 -12.48
C SER B 184 -25.17 23.81 -12.56
N SER B 190 -27.92 16.05 -8.19
CA SER B 190 -26.68 16.48 -7.55
C SER B 190 -26.89 16.81 -6.07
N ARG B 191 -28.07 16.50 -5.53
CA ARG B 191 -28.41 16.97 -4.20
C ARG B 191 -29.10 15.95 -3.31
N LYS B 192 -29.46 14.79 -3.87
CA LYS B 192 -30.00 13.73 -3.03
C LYS B 192 -28.98 13.33 -1.96
N SER B 193 -27.73 13.14 -2.36
CA SER B 193 -26.72 12.62 -1.43
C SER B 193 -25.31 13.05 -1.82
N TYR B 194 -24.47 13.22 -0.81
CA TYR B 194 -23.04 13.45 -1.05
C TYR B 194 -22.20 12.35 -0.41
N SER B 195 -22.83 11.21 -0.15
CA SER B 195 -22.09 10.01 0.25
C SER B 195 -21.08 9.64 -0.83
N LEU B 196 -20.04 8.91 -0.45
CA LEU B 196 -18.99 8.52 -1.40
C LEU B 196 -19.58 7.89 -2.67
N GLY B 197 -20.33 6.81 -2.51
CA GLY B 197 -20.95 6.11 -3.62
C GLY B 197 -21.87 6.95 -4.49
N SER B 198 -22.69 7.79 -3.87
CA SER B 198 -23.60 8.68 -4.60
C SER B 198 -22.86 9.61 -5.56
N ILE B 199 -21.79 10.24 -5.10
CA ILE B 199 -21.02 11.15 -5.94
C ILE B 199 -20.40 10.38 -7.09
N TYR B 200 -19.82 9.24 -6.73
CA TYR B 200 -19.16 8.39 -7.70
C TYR B 200 -20.14 7.91 -8.79
N THR B 201 -21.33 7.49 -8.38
CA THR B 201 -22.34 7.06 -9.35
C THR B 201 -22.84 8.25 -10.17
N ARG B 202 -22.94 9.41 -9.53
CA ARG B 202 -23.38 10.63 -10.19
C ARG B 202 -22.45 10.97 -11.36
N LEU B 203 -21.14 10.78 -11.14
CA LEU B 203 -20.12 11.14 -12.12
C LEU B 203 -19.85 10.08 -13.18
N TYR B 204 -19.74 8.82 -12.77
CA TYR B 204 -19.32 7.76 -13.68
C TYR B 204 -20.40 6.71 -13.98
N TRP B 205 -21.48 6.74 -13.19
CA TRP B 205 -22.58 5.80 -13.34
C TRP B 205 -22.12 4.34 -13.40
N GLN B 206 -21.17 4.02 -12.52
CA GLN B 206 -20.76 2.66 -12.26
C GLN B 206 -20.71 2.51 -10.76
N ALA B 207 -20.93 1.31 -10.26
CA ALA B 207 -20.76 1.08 -8.82
C ALA B 207 -19.29 1.02 -8.46
N PRO B 208 -18.93 1.65 -7.33
CA PRO B 208 -17.59 1.57 -6.74
C PRO B 208 -17.23 0.13 -6.44
N THR B 209 -15.96 -0.21 -6.52
CA THR B 209 -15.53 -1.57 -6.18
C THR B 209 -14.85 -1.59 -4.80
N ASP B 210 -14.99 -2.73 -4.12
CA ASP B 210 -14.37 -2.94 -2.81
C ASP B 210 -14.78 -1.86 -1.80
N SER B 211 -16.07 -1.60 -1.71
CA SER B 211 -16.62 -0.66 -0.73
C SER B 211 -16.28 -1.07 0.69
N HIS B 212 -16.05 -0.07 1.54
CA HIS B 212 -15.79 -0.29 2.96
C HIS B 212 -14.61 -1.20 3.25
N THR B 213 -13.68 -1.31 2.30
CA THR B 213 -12.29 -1.61 2.63
C THR B 213 -11.61 -0.25 2.58
N ALA B 214 -10.56 -0.05 3.36
CA ALA B 214 -9.91 1.26 3.42
C ALA B 214 -9.31 1.63 2.07
N GLU B 215 -8.62 0.67 1.45
CA GLU B 215 -7.99 0.91 0.14
C GLU B 215 -9.01 1.10 -0.97
N GLY B 216 -10.06 0.30 -0.95
CA GLY B 216 -11.12 0.41 -1.95
C GLY B 216 -11.75 1.79 -1.98
N ASP B 217 -12.07 2.32 -0.82
CA ASP B 217 -12.77 3.61 -0.76
C ASP B 217 -11.81 4.79 -0.92
N VAL B 218 -10.54 4.60 -0.62
CA VAL B 218 -9.55 5.62 -0.98
C VAL B 218 -9.44 5.76 -2.50
N LEU B 219 -9.35 4.63 -3.19
CA LEU B 219 -9.28 4.63 -4.65
C LEU B 219 -10.56 5.22 -5.25
N THR B 220 -11.69 4.90 -4.65
CA THR B 220 -12.95 5.51 -5.07
C THR B 220 -12.89 7.02 -4.88
N LEU B 221 -12.34 7.45 -3.74
CA LEU B 221 -12.22 8.88 -3.46
C LEU B 221 -11.29 9.56 -4.47
N LEU B 222 -10.16 8.94 -4.77
CA LEU B 222 -9.24 9.48 -5.78
C LEU B 222 -9.94 9.72 -7.14
N SER B 223 -10.76 8.75 -7.57
CA SER B 223 -11.46 8.87 -8.86
C SER B 223 -12.39 10.07 -8.89
N ILE B 224 -13.08 10.26 -7.77
CA ILE B 224 -13.98 11.40 -7.63
C ILE B 224 -13.18 12.72 -7.72
N CYS B 225 -12.01 12.74 -7.13
CA CYS B 225 -11.21 13.96 -7.11
C CYS B 225 -10.48 14.21 -8.43
N GLN B 226 -10.36 13.19 -9.28
CA GLN B 226 -9.75 13.37 -10.58
C GLN B 226 -10.74 13.93 -11.59
N TRP B 227 -12.00 14.06 -11.15
CA TRP B 227 -13.08 14.50 -12.03
C TRP B 227 -12.86 15.92 -12.51
N LYS B 228 -12.56 16.83 -11.58
CA LYS B 228 -12.19 18.17 -11.93
C LYS B 228 -10.98 18.57 -11.08
N PRO B 229 -9.80 18.12 -11.50
CA PRO B 229 -8.53 18.19 -10.75
C PRO B 229 -8.09 19.61 -10.48
N GLN B 230 -8.16 20.46 -11.50
CA GLN B 230 -7.77 21.86 -11.36
C GLN B 230 -8.61 22.57 -10.30
N ALA B 231 -9.93 22.39 -10.40
CA ALA B 231 -10.87 23.06 -9.53
C ALA B 231 -10.70 22.55 -8.10
N LEU B 232 -10.50 21.25 -7.96
CA LEU B 232 -10.30 20.62 -6.66
C LEU B 232 -9.05 21.12 -5.94
N LEU B 233 -7.92 21.14 -6.65
CA LEU B 233 -6.67 21.66 -6.07
C LEU B 233 -6.88 23.11 -5.65
N GLN B 234 -7.59 23.85 -6.48
CA GLN B 234 -7.91 25.24 -6.19
C GLN B 234 -8.65 25.39 -4.86
N TRP B 235 -9.65 24.54 -4.65
CA TRP B 235 -10.49 24.58 -3.46
C TRP B 235 -9.74 24.05 -2.24
N VAL B 236 -8.99 22.96 -2.43
CA VAL B 236 -8.13 22.45 -1.37
C VAL B 236 -7.17 23.53 -0.87
N ASP B 237 -6.52 24.24 -1.80
CA ASP B 237 -5.59 25.30 -1.43
C ASP B 237 -6.26 26.37 -0.57
N GLU B 238 -7.50 26.72 -0.90
CA GLU B 238 -8.23 27.74 -0.15
C GLU B 238 -8.75 27.28 1.22
N HIS B 239 -9.06 25.99 1.37
CA HIS B 239 -9.76 25.53 2.56
C HIS B 239 -8.94 24.61 3.45
N ALA B 240 -7.77 24.18 2.98
CA ALA B 240 -6.90 23.33 3.79
C ALA B 240 -6.65 23.95 5.16
N ARG B 241 -6.73 23.14 6.20
CA ARG B 241 -6.43 23.61 7.55
C ARG B 241 -5.60 22.58 8.30
N PRO B 242 -4.76 23.05 9.25
CA PRO B 242 -3.87 22.17 10.00
C PRO B 242 -4.62 21.05 10.71
N PHE B 243 -4.11 19.83 10.57
CA PHE B 243 -4.71 18.67 11.20
C PHE B 243 -4.69 18.78 12.73
N SER B 244 -3.69 19.48 13.26
CA SER B 244 -3.55 19.59 14.71
C SER B 244 -4.58 20.54 15.31
N THR B 245 -5.44 21.12 14.48
CA THR B 245 -6.55 21.93 14.97
C THR B 245 -7.86 21.12 15.08
N VAL B 246 -7.81 19.86 14.64
CA VAL B 246 -8.98 18.98 14.67
C VAL B 246 -9.23 18.42 16.06
N LYS B 247 -10.43 18.64 16.58
CA LYS B 247 -10.77 18.18 17.92
C LYS B 247 -11.04 16.68 17.91
N PRO B 248 -10.55 15.99 18.94
CA PRO B 248 -10.72 14.54 19.10
C PRO B 248 -12.20 14.17 19.00
N MET B 249 -12.52 13.02 18.41
CA MET B 249 -13.90 12.57 18.37
C MET B 249 -14.43 12.39 19.78
N TYR B 250 -13.61 11.82 20.65
CA TYR B 250 -13.96 11.66 22.07
C TYR B 250 -12.69 11.59 22.92
N GLY B 251 -12.87 11.57 24.24
CA GLY B 251 -11.73 11.57 25.14
C GLY B 251 -11.47 10.20 25.73
#